data_7QLX
#
_entry.id   7QLX
#
_cell.length_a   45.451
_cell.length_b   73.722
_cell.length_c   53.293
_cell.angle_alpha   90.000
_cell.angle_beta   110.065
_cell.angle_gamma   90.000
#
_symmetry.space_group_name_H-M   'P 1 21 1'
#
loop_
_entity.id
_entity.type
_entity.pdbx_description
1 polymer Endothiapepsin
2 non-polymer 'DIMETHYL SULFOXIDE'
3 non-polymer 1-METHOXY-2-[2-(2-METHOXY-ETHOXY]-ETHANE
4 water water
#
_entity_poly.entity_id   1
_entity_poly.type   'polypeptide(L)'
_entity_poly.pdbx_seq_one_letter_code
;MSSPLKNALVTAMLAGGALSSPTKQHVGIPVNASPEVGPGKYSFKQVRNPNYKFNGPLSVKKTYLKYGVPIPAWLEDAVQ
NSTSGLAERSTGSATTTPIDSLDDAYITPVQIGTPAQTLNLDFDTGSSDLWVFSSETTASEVDGQTIYTPSKSTTAKLLS
GATWSISYGDGSSSSGDVYTDTVSVGGLTVTGQAVESAKKVSSSFTEDSTIDGLLGLAFSTLNTVSPTQQKTFFDNAKAS
LDSPVFTADLGYHAPGTYNFGFIDTTAYTGSITYTAVSTKQGFWEWTSTGYAVGSGTFKSTSIDGIADTGTTLLYLPATV
VSAYWAQVSGAKSSSSVGGYVFPCSATLPSFTFGVGSARIVIPGDYIDFGPISTGSSSCFGGIQSSAGIGINIFGDVALK
AAFVVFNGATTPTLGFASK
;
_entity_poly.pdbx_strand_id   A
#
loop_
_chem_comp.id
_chem_comp.type
_chem_comp.name
_chem_comp.formula
DMS non-polymer 'DIMETHYL SULFOXIDE' 'C2 H6 O S'
PG5 non-polymer 1-METHOXY-2-[2-(2-METHOXY-ETHOXY]-ETHANE 'C8 H18 O4'
#
# COMPACT_ATOMS: atom_id res chain seq x y z
N SER A 90 2.33 -15.99 -18.13
CA SER A 90 2.67 -14.58 -18.37
C SER A 90 3.25 -13.96 -17.10
N THR A 91 3.90 -12.81 -17.24
CA THR A 91 4.35 -12.04 -16.10
C THR A 91 4.18 -10.56 -16.42
N GLY A 92 4.35 -9.75 -15.37
CA GLY A 92 4.44 -8.32 -15.51
C GLY A 92 5.45 -7.77 -14.53
N SER A 93 6.00 -6.60 -14.88
CA SER A 93 6.99 -5.95 -14.01
C SER A 93 6.93 -4.45 -14.24
N ALA A 94 6.69 -3.68 -13.18
CA ALA A 94 6.67 -2.22 -13.27
C ALA A 94 7.42 -1.57 -12.12
N THR A 95 8.00 -0.40 -12.42
CA THR A 95 8.72 0.36 -11.42
C THR A 95 7.73 1.18 -10.61
N THR A 96 7.90 1.19 -9.28
CA THR A 96 7.08 2.01 -8.39
C THR A 96 7.98 3.07 -7.76
N THR A 97 7.45 4.30 -7.63
CA THR A 97 8.27 5.47 -7.31
C THR A 97 7.65 6.20 -6.14
N PRO A 98 8.43 6.64 -5.16
CA PRO A 98 7.86 7.47 -4.08
C PRO A 98 7.29 8.75 -4.66
N ILE A 99 6.15 9.18 -4.10
CA ILE A 99 5.50 10.39 -4.60
C ILE A 99 6.22 11.66 -4.15
N ASP A 100 7.05 11.59 -3.12
CA ASP A 100 7.72 12.79 -2.60
C ASP A 100 8.99 12.37 -1.87
N SER A 101 9.66 13.35 -1.26
CA SER A 101 10.93 13.12 -0.60
C SER A 101 10.79 12.36 0.72
N LEU A 102 9.57 12.16 1.20
CA LEU A 102 9.36 11.45 2.44
C LEU A 102 8.82 10.04 2.27
N ASP A 103 8.68 9.56 1.03
CA ASP A 103 8.08 8.25 0.76
C ASP A 103 6.65 8.18 1.31
N ASP A 104 5.87 9.26 1.15
CA ASP A 104 4.53 9.29 1.71
C ASP A 104 3.63 8.25 1.05
N ALA A 105 3.92 7.89 -0.19
CA ALA A 105 3.20 6.85 -0.92
C ALA A 105 4.02 6.52 -2.16
N TYR A 106 3.57 5.51 -2.90
CA TYR A 106 4.28 5.04 -4.08
C TYR A 106 3.29 4.98 -5.22
N ILE A 107 3.73 5.39 -6.41
CA ILE A 107 2.90 5.33 -7.60
C ILE A 107 3.57 4.47 -8.65
N THR A 108 2.72 3.77 -9.43
CA THR A 108 3.14 2.84 -10.47
C THR A 108 2.29 3.12 -11.71
N PRO A 109 2.91 3.24 -12.88
CA PRO A 109 2.12 3.54 -14.09
C PRO A 109 1.30 2.34 -14.53
N VAL A 110 0.07 2.62 -14.97
CA VAL A 110 -0.90 1.61 -15.38
C VAL A 110 -1.53 2.07 -16.69
N GLN A 111 -1.55 1.20 -17.70
CA GLN A 111 -2.19 1.51 -18.97
C GLN A 111 -3.64 1.06 -18.96
N ILE A 112 -4.54 1.97 -19.30
CA ILE A 112 -5.98 1.69 -19.28
C ILE A 112 -6.55 2.09 -20.63
N GLY A 113 -7.33 1.19 -21.23
CA GLY A 113 -8.09 1.54 -22.42
C GLY A 113 -7.32 1.40 -23.73
N THR A 114 -8.03 1.72 -24.82
CA THR A 114 -7.51 1.62 -26.18
C THR A 114 -7.91 2.87 -26.96
N PRO A 115 -6.95 3.69 -27.41
CA PRO A 115 -5.52 3.54 -27.12
C PRO A 115 -5.21 3.74 -25.63
N ALA A 116 -4.04 3.30 -25.20
CA ALA A 116 -3.71 3.33 -23.78
C ALA A 116 -3.78 4.74 -23.20
N GLN A 117 -4.34 4.83 -22.00
CA GLN A 117 -4.25 6.02 -21.18
C GLN A 117 -3.45 5.62 -19.95
N THR A 118 -2.33 6.28 -19.71
CA THR A 118 -1.43 5.90 -18.63
C THR A 118 -1.70 6.78 -17.42
N LEU A 119 -2.08 6.16 -16.32
CA LEU A 119 -2.28 6.84 -15.05
C LEU A 119 -1.32 6.23 -14.04
N ASN A 120 -0.91 7.05 -13.07
CA ASN A 120 -0.02 6.62 -12.00
C ASN A 120 -0.88 6.27 -10.78
N LEU A 121 -1.01 4.98 -10.49
CA LEU A 121 -1.90 4.50 -9.44
C LEU A 121 -1.11 4.08 -8.21
N ASP A 122 -1.79 4.19 -7.07
CA ASP A 122 -1.27 3.78 -5.79
C ASP A 122 -1.68 2.32 -5.58
N PHE A 123 -0.72 1.41 -5.76
CA PHE A 123 -0.97 -0.02 -5.58
C PHE A 123 -1.16 -0.30 -4.09
N ASP A 124 -2.33 -0.84 -3.72
CA ASP A 124 -2.77 -0.88 -2.33
C ASP A 124 -3.17 -2.29 -1.96
N THR A 125 -2.27 -3.01 -1.26
CA THR A 125 -2.63 -4.34 -0.79
C THR A 125 -3.59 -4.33 0.39
N GLY A 126 -4.03 -3.15 0.85
CA GLY A 126 -5.07 -3.01 1.85
C GLY A 126 -6.47 -2.71 1.38
N SER A 127 -6.72 -2.71 0.07
CA SER A 127 -8.06 -2.48 -0.46
C SER A 127 -8.17 -3.24 -1.78
N SER A 128 -9.39 -3.24 -2.36
CA SER A 128 -9.68 -4.17 -3.46
C SER A 128 -10.45 -3.51 -4.60
N ASP A 129 -10.33 -2.21 -4.75
CA ASP A 129 -10.99 -1.46 -5.81
C ASP A 129 -9.90 -0.83 -6.67
N LEU A 130 -10.04 -0.92 -7.98
CA LEU A 130 -9.22 -0.15 -8.90
C LEU A 130 -10.09 1.03 -9.32
N TRP A 131 -9.76 2.24 -8.83
CA TRP A 131 -10.53 3.42 -9.16
C TRP A 131 -9.61 4.53 -9.63
N VAL A 132 -10.15 5.41 -10.46
CA VAL A 132 -9.35 6.41 -11.16
C VAL A 132 -10.06 7.75 -11.17
N PHE A 133 -9.28 8.83 -11.06
CA PHE A 133 -9.75 10.14 -11.51
C PHE A 133 -10.17 10.03 -12.97
N SER A 134 -11.20 10.80 -13.35
CA SER A 134 -11.78 10.58 -14.67
C SER A 134 -12.40 11.85 -15.22
N SER A 135 -12.79 11.78 -16.49
CA SER A 135 -13.53 12.87 -17.10
C SER A 135 -14.87 13.11 -16.41
N GLU A 136 -15.34 12.16 -15.60
CA GLU A 136 -16.58 12.30 -14.86
C GLU A 136 -16.38 12.93 -13.49
N THR A 137 -15.13 13.14 -13.06
CA THR A 137 -14.92 13.66 -11.71
C THR A 137 -15.28 15.14 -11.65
N THR A 138 -15.99 15.51 -10.60
CA THR A 138 -16.33 16.91 -10.34
C THR A 138 -15.13 17.81 -10.53
N ALA A 139 -15.29 18.82 -11.39
CA ALA A 139 -14.14 19.57 -11.89
C ALA A 139 -13.38 20.26 -10.77
N SER A 140 -14.10 20.77 -9.76
CA SER A 140 -13.45 21.40 -8.63
C SER A 140 -12.69 20.42 -7.75
N GLU A 141 -12.84 19.13 -7.99
CA GLU A 141 -12.15 18.11 -7.22
C GLU A 141 -10.95 17.53 -7.95
N VAL A 142 -10.66 18.02 -9.15
CA VAL A 142 -9.48 17.62 -9.91
C VAL A 142 -8.51 18.77 -9.87
N ASP A 143 -7.26 18.50 -9.46
CA ASP A 143 -6.24 19.54 -9.32
C ASP A 143 -4.90 18.90 -9.69
N GLY A 144 -4.69 18.68 -10.99
CA GLY A 144 -3.40 18.25 -11.49
C GLY A 144 -3.29 16.77 -11.81
N GLN A 145 -4.25 15.95 -11.39
CA GLN A 145 -4.21 14.52 -11.68
C GLN A 145 -4.43 14.26 -13.17
N THR A 146 -3.92 13.11 -13.61
CA THR A 146 -4.26 12.64 -14.95
C THR A 146 -5.57 11.89 -14.85
N ILE A 147 -6.47 12.14 -15.80
CA ILE A 147 -7.79 11.52 -15.78
C ILE A 147 -7.93 10.46 -16.84
N TYR A 148 -8.75 9.45 -16.52
CA TYR A 148 -9.21 8.46 -17.49
C TYR A 148 -10.47 8.99 -18.15
N THR A 149 -10.50 8.99 -19.49
CA THR A 149 -11.67 9.42 -20.26
C THR A 149 -12.23 8.18 -20.95
N PRO A 150 -13.21 7.50 -20.35
CA PRO A 150 -13.74 6.28 -20.97
C PRO A 150 -14.29 6.48 -22.37
N SER A 151 -14.83 7.66 -22.68
CA SER A 151 -15.39 7.90 -24.00
C SER A 151 -14.35 7.82 -25.10
N LYS A 152 -13.07 7.95 -24.76
CA LYS A 152 -11.98 7.88 -25.73
C LYS A 152 -11.34 6.51 -25.80
N SER A 153 -11.84 5.54 -25.04
CA SER A 153 -11.38 4.17 -25.10
C SER A 153 -12.36 3.32 -25.89
N THR A 154 -11.91 2.78 -27.03
CA THR A 154 -12.76 1.93 -27.86
C THR A 154 -13.10 0.60 -27.20
N THR A 155 -12.43 0.21 -26.12
CA THR A 155 -12.70 -1.04 -25.43
C THR A 155 -13.45 -0.83 -24.12
N ALA A 156 -13.75 0.41 -23.76
CA ALA A 156 -14.48 0.69 -22.53
C ALA A 156 -15.97 0.36 -22.70
N LYS A 157 -16.53 -0.33 -21.71
CA LYS A 157 -17.96 -0.62 -21.69
C LYS A 157 -18.52 -0.26 -20.33
N LEU A 158 -19.60 0.54 -20.33
CA LEU A 158 -20.25 0.89 -19.07
C LEU A 158 -20.86 -0.36 -18.47
N LEU A 159 -20.56 -0.61 -17.20
CA LEU A 159 -21.13 -1.74 -16.48
C LEU A 159 -22.49 -1.29 -15.95
N SER A 160 -23.56 -1.80 -16.55
CA SER A 160 -24.89 -1.23 -16.36
C SER A 160 -25.34 -1.35 -14.91
N GLY A 161 -25.71 -0.21 -14.35
CA GLY A 161 -26.27 -0.12 -13.03
C GLY A 161 -25.26 -0.21 -11.91
N ALA A 162 -23.97 -0.31 -12.22
CA ALA A 162 -22.95 -0.54 -11.20
C ALA A 162 -22.43 0.78 -10.64
N THR A 163 -22.31 0.84 -9.32
CA THR A 163 -21.70 1.98 -8.66
C THR A 163 -20.72 1.46 -7.61
N TRP A 164 -19.87 2.38 -7.13
CA TRP A 164 -18.91 2.05 -6.10
C TRP A 164 -18.76 3.25 -5.18
N SER A 165 -18.35 2.97 -3.95
CA SER A 165 -18.13 3.99 -2.93
C SER A 165 -17.24 3.38 -1.86
N ILE A 166 -16.12 4.03 -1.55
CA ILE A 166 -15.15 3.47 -0.63
C ILE A 166 -14.70 4.55 0.35
N SER A 167 -14.48 4.15 1.59
CA SER A 167 -13.98 5.02 2.64
C SER A 167 -12.77 4.36 3.27
N TYR A 168 -11.65 5.05 3.28
CA TYR A 168 -10.40 4.48 3.76
C TYR A 168 -10.13 4.84 5.21
N GLY A 169 -9.27 4.03 5.85
CA GLY A 169 -8.92 4.26 7.24
C GLY A 169 -8.45 5.66 7.53
N ASP A 170 -7.78 6.30 6.57
CA ASP A 170 -7.28 7.66 6.73
C ASP A 170 -8.36 8.72 6.61
N GLY A 171 -9.63 8.34 6.50
CA GLY A 171 -10.71 9.29 6.42
C GLY A 171 -11.03 9.78 5.03
N SER A 172 -10.27 9.37 4.02
CA SER A 172 -10.52 9.78 2.64
C SER A 172 -11.56 8.86 2.02
N SER A 173 -12.12 9.31 0.89
CA SER A 173 -13.20 8.58 0.24
C SER A 173 -13.31 8.96 -1.23
N SER A 174 -13.98 8.09 -2.00
CA SER A 174 -14.28 8.37 -3.40
C SER A 174 -15.44 7.48 -3.82
N SER A 175 -16.10 7.86 -4.91
CA SER A 175 -17.25 7.10 -5.40
C SER A 175 -17.48 7.43 -6.86
N GLY A 176 -18.22 6.56 -7.54
CA GLY A 176 -18.56 6.84 -8.92
C GLY A 176 -19.25 5.68 -9.62
N ASP A 177 -19.09 5.58 -10.95
CA ASP A 177 -19.65 4.46 -11.69
C ASP A 177 -18.50 3.56 -12.17
N VAL A 178 -18.84 2.59 -13.03
CA VAL A 178 -17.94 1.49 -13.36
C VAL A 178 -17.94 1.20 -14.86
N TYR A 179 -16.75 1.07 -15.42
CA TYR A 179 -16.56 0.55 -16.76
C TYR A 179 -15.75 -0.74 -16.65
N THR A 180 -15.85 -1.60 -17.66
CA THR A 180 -14.85 -2.62 -17.86
C THR A 180 -13.95 -2.19 -19.02
N ASP A 181 -12.65 -2.44 -18.89
CA ASP A 181 -11.71 -2.01 -19.93
C ASP A 181 -10.45 -2.86 -19.82
N THR A 182 -9.57 -2.70 -20.80
CA THR A 182 -8.29 -3.37 -20.78
C THR A 182 -7.32 -2.63 -19.88
N VAL A 183 -6.66 -3.35 -18.98
CA VAL A 183 -5.70 -2.78 -18.04
C VAL A 183 -4.40 -3.54 -18.15
N SER A 184 -3.29 -2.83 -18.29
CA SER A 184 -1.98 -3.45 -18.38
C SER A 184 -1.04 -2.85 -17.33
N VAL A 185 -0.28 -3.71 -16.67
CA VAL A 185 0.73 -3.29 -15.70
C VAL A 185 2.05 -3.91 -16.13
N GLY A 186 3.00 -3.08 -16.54
CA GLY A 186 4.32 -3.53 -16.88
C GLY A 186 4.33 -4.71 -17.81
N GLY A 187 3.47 -4.70 -18.84
CA GLY A 187 3.43 -5.76 -19.84
C GLY A 187 2.41 -6.87 -19.63
N LEU A 188 1.78 -6.93 -18.46
CA LEU A 188 0.77 -7.95 -18.14
C LEU A 188 -0.60 -7.34 -18.37
N THR A 189 -1.44 -8.01 -19.16
CA THR A 189 -2.68 -7.42 -19.64
C THR A 189 -3.89 -8.19 -19.16
N VAL A 190 -4.89 -7.48 -18.65
CA VAL A 190 -6.20 -8.04 -18.31
C VAL A 190 -7.25 -7.33 -19.16
N THR A 191 -7.99 -8.08 -19.96
CA THR A 191 -9.19 -7.54 -20.58
C THR A 191 -10.37 -7.70 -19.64
N GLY A 192 -11.31 -6.78 -19.73
CA GLY A 192 -12.51 -6.88 -18.92
C GLY A 192 -12.34 -6.47 -17.46
N GLN A 193 -11.26 -5.79 -17.12
CA GLN A 193 -11.05 -5.35 -15.76
C GLN A 193 -12.06 -4.27 -15.39
N ALA A 194 -12.67 -4.39 -14.22
CA ALA A 194 -13.51 -3.32 -13.70
C ALA A 194 -12.63 -2.12 -13.36
N VAL A 195 -12.92 -0.98 -14.01
CA VAL A 195 -12.24 0.30 -13.80
C VAL A 195 -13.28 1.22 -13.20
N GLU A 196 -13.09 1.58 -11.95
CA GLU A 196 -14.08 2.36 -11.21
C GLU A 196 -13.80 3.85 -11.42
N SER A 197 -14.68 4.51 -12.13
CA SER A 197 -14.48 5.88 -12.56
C SER A 197 -15.04 6.81 -11.51
N ALA A 198 -14.22 7.73 -10.99
CA ALA A 198 -14.66 8.55 -9.87
C ALA A 198 -15.52 9.69 -10.37
N LYS A 199 -16.68 9.88 -9.73
CA LYS A 199 -17.46 11.10 -9.86
C LYS A 199 -17.16 12.09 -8.74
N LYS A 200 -16.74 11.57 -7.59
CA LYS A 200 -16.47 12.32 -6.37
C LYS A 200 -15.22 11.77 -5.71
N VAL A 201 -14.35 12.66 -5.25
CA VAL A 201 -13.23 12.29 -4.41
C VAL A 201 -13.17 13.27 -3.23
N SER A 202 -12.65 12.81 -2.11
CA SER A 202 -12.51 13.67 -0.94
C SER A 202 -11.31 14.62 -1.09
N SER A 203 -11.21 15.57 -0.14
CA SER A 203 -10.28 16.68 -0.31
C SER A 203 -8.83 16.21 -0.39
N SER A 204 -8.48 15.18 0.39
CA SER A 204 -7.09 14.74 0.40
CA SER A 204 -7.09 14.73 0.41
C SER A 204 -6.66 14.17 -0.95
N PHE A 205 -7.58 13.54 -1.68
CA PHE A 205 -7.23 13.06 -3.01
C PHE A 205 -7.02 14.23 -3.96
N THR A 206 -7.92 15.22 -3.92
CA THR A 206 -7.77 16.42 -4.74
C THR A 206 -6.44 17.12 -4.48
N GLU A 207 -6.06 17.21 -3.20
CA GLU A 207 -4.85 17.93 -2.79
C GLU A 207 -3.58 17.17 -3.12
N ASP A 208 -3.67 15.92 -3.56
CA ASP A 208 -2.49 15.13 -3.92
C ASP A 208 -2.50 14.94 -5.43
N SER A 209 -1.79 15.82 -6.14
CA SER A 209 -1.78 15.78 -7.60
C SER A 209 -0.99 14.60 -8.16
N THR A 210 -0.30 13.82 -7.32
CA THR A 210 0.60 12.78 -7.82
C THR A 210 -0.07 11.41 -7.91
N ILE A 211 -1.25 11.22 -7.32
CA ILE A 211 -1.95 9.94 -7.30
C ILE A 211 -3.21 10.07 -8.14
N ASP A 212 -3.25 9.32 -9.26
CA ASP A 212 -4.37 9.37 -10.19
C ASP A 212 -5.45 8.36 -9.83
N GLY A 213 -5.26 7.61 -8.76
CA GLY A 213 -6.20 6.59 -8.34
C GLY A 213 -5.48 5.47 -7.60
N LEU A 214 -6.26 4.42 -7.29
CA LEU A 214 -5.74 3.28 -6.55
C LEU A 214 -5.96 2.00 -7.34
N LEU A 215 -5.02 1.07 -7.18
CA LEU A 215 -5.16 -0.28 -7.70
C LEU A 215 -5.12 -1.25 -6.53
N GLY A 216 -6.28 -1.77 -6.16
CA GLY A 216 -6.37 -2.62 -4.98
C GLY A 216 -5.84 -4.03 -5.23
N LEU A 217 -5.12 -4.55 -4.23
CA LEU A 217 -4.49 -5.86 -4.31
C LEU A 217 -4.80 -6.71 -3.08
N ALA A 218 -5.75 -6.29 -2.25
CA ALA A 218 -6.33 -7.13 -1.21
C ALA A 218 -7.25 -8.15 -1.86
N PHE A 219 -8.01 -8.88 -1.06
CA PHE A 219 -8.84 -9.95 -1.59
C PHE A 219 -10.15 -9.38 -2.11
N SER A 220 -10.65 -9.97 -3.19
CA SER A 220 -11.77 -9.38 -3.91
C SER A 220 -13.04 -9.32 -3.07
N THR A 221 -13.10 -10.05 -1.96
CA THR A 221 -14.25 -9.94 -1.07
C THR A 221 -14.48 -8.52 -0.55
N LEU A 222 -13.45 -7.67 -0.53
CA LEU A 222 -13.61 -6.30 -0.08
C LEU A 222 -14.06 -5.34 -1.17
N ASN A 223 -14.18 -5.78 -2.42
CA ASN A 223 -14.49 -4.84 -3.48
C ASN A 223 -15.86 -4.21 -3.26
N THR A 224 -15.97 -2.91 -3.51
CA THR A 224 -17.19 -2.19 -3.13
C THR A 224 -18.23 -2.07 -4.25
N VAL A 225 -17.96 -2.58 -5.46
CA VAL A 225 -18.92 -2.39 -6.53
C VAL A 225 -20.23 -3.07 -6.21
N SER A 226 -21.33 -2.34 -6.42
CA SER A 226 -22.68 -2.78 -6.14
C SER A 226 -23.53 -2.55 -7.39
N PRO A 227 -24.49 -3.43 -7.70
CA PRO A 227 -24.91 -4.62 -6.92
C PRO A 227 -24.11 -5.87 -7.24
N THR A 228 -23.13 -5.81 -8.12
CA THR A 228 -22.34 -6.99 -8.50
C THR A 228 -20.86 -6.70 -8.19
N GLN A 229 -20.35 -7.31 -7.13
CA GLN A 229 -18.97 -7.14 -6.72
C GLN A 229 -18.02 -7.54 -7.85
N GLN A 230 -16.91 -6.83 -7.98
CA GLN A 230 -15.95 -7.06 -9.06
C GLN A 230 -14.62 -7.56 -8.51
N LYS A 231 -13.80 -8.10 -9.41
CA LYS A 231 -12.53 -8.74 -9.05
C LYS A 231 -11.34 -7.79 -9.21
N THR A 232 -10.32 -7.97 -8.37
CA THR A 232 -9.08 -7.20 -8.48
C THR A 232 -8.31 -7.58 -9.75
N PHE A 233 -7.36 -6.72 -10.10
CA PHE A 233 -6.47 -6.98 -11.22
C PHE A 233 -5.69 -8.27 -11.01
N PHE A 234 -5.19 -8.49 -9.80
CA PHE A 234 -4.46 -9.72 -9.53
C PHE A 234 -5.37 -10.93 -9.62
N ASP A 235 -6.60 -10.83 -9.11
CA ASP A 235 -7.52 -11.95 -9.17
C ASP A 235 -7.83 -12.31 -10.62
N ASN A 236 -8.04 -11.29 -11.46
CA ASN A 236 -8.29 -11.55 -12.88
C ASN A 236 -7.08 -12.14 -13.59
N ALA A 237 -5.87 -11.70 -13.23
CA ALA A 237 -4.67 -12.14 -13.93
C ALA A 237 -4.14 -13.48 -13.44
N LYS A 238 -4.48 -13.89 -12.22
CA LYS A 238 -3.90 -15.06 -11.55
C LYS A 238 -3.71 -16.27 -12.45
N ALA A 239 -4.80 -16.72 -13.09
CA ALA A 239 -4.75 -17.99 -13.80
C ALA A 239 -3.74 -17.98 -14.93
N SER A 240 -3.50 -16.81 -15.52
CA SER A 240 -2.56 -16.69 -16.63
C SER A 240 -1.12 -16.55 -16.19
N LEU A 241 -0.88 -16.18 -14.94
CA LEU A 241 0.47 -15.93 -14.46
C LEU A 241 1.27 -17.24 -14.40
N ASP A 242 2.59 -17.11 -14.58
CA ASP A 242 3.46 -18.27 -14.49
C ASP A 242 3.36 -18.92 -13.11
N SER A 243 3.33 -18.10 -12.06
CA SER A 243 3.08 -18.45 -10.67
C SER A 243 2.04 -17.50 -10.10
N PRO A 244 1.17 -17.98 -9.23
CA PRO A 244 0.06 -17.11 -8.77
C PRO A 244 0.46 -16.19 -7.63
N VAL A 245 1.37 -15.27 -7.92
CA VAL A 245 2.04 -14.43 -6.92
C VAL A 245 2.23 -13.03 -7.48
N PHE A 246 2.38 -12.06 -6.58
CA PHE A 246 2.96 -10.78 -6.95
C PHE A 246 3.90 -10.38 -5.82
N THR A 247 4.90 -9.57 -6.16
CA THR A 247 5.88 -9.13 -5.17
C THR A 247 5.97 -7.61 -5.10
N ALA A 248 6.21 -7.14 -3.88
CA ALA A 248 6.42 -5.72 -3.60
C ALA A 248 7.86 -5.55 -3.13
N ASP A 249 8.61 -4.67 -3.81
CA ASP A 249 9.99 -4.35 -3.47
C ASP A 249 10.05 -2.82 -3.47
N LEU A 250 9.57 -2.20 -2.39
CA LEU A 250 9.51 -0.73 -2.34
C LEU A 250 10.87 -0.19 -1.91
N GLY A 251 11.27 0.91 -2.56
CA GLY A 251 12.53 1.57 -2.20
C GLY A 251 12.44 2.61 -1.10
N TYR A 252 13.56 2.80 -0.41
CA TYR A 252 13.70 3.91 0.53
C TYR A 252 14.32 5.07 -0.24
N HIS A 253 13.56 6.16 -0.40
CA HIS A 253 13.98 7.32 -1.16
C HIS A 253 14.51 6.95 -2.55
N ALA A 254 13.88 5.97 -3.18
CA ALA A 254 14.41 5.44 -4.44
C ALA A 254 13.31 4.63 -5.10
N PRO A 255 13.41 4.40 -6.41
CA PRO A 255 12.43 3.55 -7.08
C PRO A 255 12.57 2.08 -6.66
N GLY A 256 11.49 1.34 -6.90
CA GLY A 256 11.37 -0.07 -6.54
C GLY A 256 10.55 -0.75 -7.60
N THR A 257 10.00 -1.93 -7.30
CA THR A 257 9.40 -2.76 -8.33
C THR A 257 8.19 -3.52 -7.79
N TYR A 258 7.14 -3.60 -8.60
CA TYR A 258 6.06 -4.57 -8.43
C TYR A 258 6.15 -5.57 -9.55
N ASN A 259 6.28 -6.85 -9.20
CA ASN A 259 6.32 -7.94 -10.18
C ASN A 259 5.10 -8.82 -10.00
N PHE A 260 4.55 -9.29 -11.11
CA PHE A 260 3.43 -10.22 -11.10
C PHE A 260 3.87 -11.48 -11.82
N GLY A 261 3.64 -12.62 -11.18
CA GLY A 261 3.82 -13.91 -11.80
C GLY A 261 5.16 -14.58 -11.58
N PHE A 262 6.10 -13.92 -10.89
CA PHE A 262 7.42 -14.51 -10.73
C PHE A 262 8.13 -13.86 -9.54
N ILE A 263 9.08 -14.59 -9.00
CA ILE A 263 9.91 -14.12 -7.91
C ILE A 263 11.33 -13.89 -8.45
N ASP A 264 11.77 -12.64 -8.41
CA ASP A 264 13.13 -12.26 -8.82
C ASP A 264 14.09 -12.66 -7.70
N THR A 265 14.75 -13.81 -7.86
CA THR A 265 15.68 -14.29 -6.83
C THR A 265 16.94 -13.46 -6.69
N THR A 266 17.16 -12.46 -7.56
CA THR A 266 18.29 -11.56 -7.39
C THR A 266 17.93 -10.33 -6.55
N ALA A 267 16.66 -10.18 -6.17
CA ALA A 267 16.14 -8.97 -5.55
C ALA A 267 16.17 -9.01 -4.02
N TYR A 268 16.70 -10.05 -3.40
CA TYR A 268 16.73 -10.16 -1.96
C TYR A 268 17.98 -10.94 -1.58
N THR A 269 18.33 -10.87 -0.30
CA THR A 269 19.42 -11.65 0.26
C THR A 269 18.84 -12.73 1.15
N GLY A 270 19.65 -13.75 1.42
CA GLY A 270 19.19 -14.90 2.18
C GLY A 270 17.98 -15.57 1.55
N SER A 271 17.10 -16.06 2.40
CA SER A 271 15.94 -16.83 1.96
C SER A 271 14.66 -16.07 2.28
N ILE A 272 13.58 -16.45 1.61
CA ILE A 272 12.25 -15.93 1.89
C ILE A 272 11.61 -16.82 2.94
N THR A 273 11.12 -16.24 4.02
CA THR A 273 10.37 -16.94 5.04
C THR A 273 8.89 -16.71 4.79
N TYR A 274 8.15 -17.78 4.63
CA TYR A 274 6.72 -17.70 4.40
C TYR A 274 5.97 -17.88 5.72
N THR A 275 4.85 -17.18 5.83
CA THR A 275 4.08 -17.17 7.08
C THR A 275 2.59 -17.21 6.72
N ALA A 276 1.78 -17.73 7.64
CA ALA A 276 0.39 -17.97 7.35
C ALA A 276 -0.42 -16.68 7.24
N VAL A 277 -1.46 -16.72 6.41
CA VAL A 277 -2.32 -15.59 6.15
C VAL A 277 -3.76 -15.98 6.46
N SER A 278 -4.48 -15.11 7.15
CA SER A 278 -5.93 -15.18 7.25
C SER A 278 -6.56 -14.18 6.30
N THR A 279 -7.50 -14.65 5.48
CA THR A 279 -8.26 -13.80 4.59
C THR A 279 -9.64 -13.45 5.17
N LYS A 280 -9.88 -13.73 6.46
CA LYS A 280 -11.23 -13.60 7.01
C LYS A 280 -11.71 -12.16 7.00
N GLN A 281 -10.78 -11.20 7.08
CA GLN A 281 -11.17 -9.81 6.95
C GLN A 281 -10.83 -9.23 5.59
N GLY A 282 -10.49 -10.07 4.61
CA GLY A 282 -10.22 -9.59 3.27
C GLY A 282 -8.82 -9.04 3.05
N PHE A 283 -7.98 -9.05 4.08
CA PHE A 283 -6.64 -8.48 4.02
C PHE A 283 -5.59 -9.59 3.99
N TRP A 284 -4.36 -9.21 3.64
CA TRP A 284 -3.18 -10.05 3.78
C TRP A 284 -2.76 -9.96 5.24
N GLU A 285 -3.51 -10.67 6.09
CA GLU A 285 -3.38 -10.59 7.54
C GLU A 285 -2.52 -11.74 8.04
N TRP A 286 -1.54 -11.42 8.89
CA TRP A 286 -0.55 -12.40 9.33
C TRP A 286 -0.19 -12.06 10.76
N THR A 287 0.66 -12.91 11.36
CA THR A 287 1.07 -12.73 12.75
C THR A 287 2.59 -12.66 12.84
N SER A 288 3.10 -11.48 13.19
CA SER A 288 4.52 -11.34 13.45
C SER A 288 4.86 -12.01 14.79
N THR A 289 6.06 -12.52 14.89
CA THR A 289 6.48 -13.25 16.07
C THR A 289 7.13 -12.35 17.13
N GLY A 290 7.32 -11.06 16.84
CA GLY A 290 7.71 -10.14 17.88
C GLY A 290 8.58 -9.03 17.32
N TYR A 291 9.36 -8.38 18.19
CA TYR A 291 10.07 -7.17 17.78
C TYR A 291 11.29 -6.93 18.65
N ALA A 292 12.21 -6.10 18.13
CA ALA A 292 13.29 -5.53 18.92
C ALA A 292 13.45 -4.07 18.55
N VAL A 293 13.99 -3.28 19.46
CA VAL A 293 14.26 -1.86 19.24
C VAL A 293 15.77 -1.69 19.21
N GLY A 294 16.27 -1.21 18.08
CA GLY A 294 17.71 -1.01 17.94
C GLY A 294 18.43 -2.31 18.20
N SER A 295 19.44 -2.26 19.07
CA SER A 295 20.23 -3.44 19.42
C SER A 295 19.66 -4.22 20.61
N GLY A 296 18.44 -3.91 21.04
CA GLY A 296 17.87 -4.50 22.24
C GLY A 296 17.41 -5.95 22.07
N THR A 297 17.04 -6.53 23.20
CA THR A 297 16.62 -7.92 23.22
C THR A 297 15.32 -8.08 22.43
N PHE A 298 15.25 -9.14 21.62
CA PHE A 298 14.05 -9.45 20.87
C PHE A 298 12.96 -9.96 21.81
N LYS A 299 11.77 -9.37 21.70
CA LYS A 299 10.62 -9.73 22.50
C LYS A 299 9.72 -10.63 21.67
N SER A 300 9.51 -11.87 22.14
CA SER A 300 8.61 -12.80 21.47
C SER A 300 7.18 -12.50 21.92
N THR A 301 6.36 -12.09 20.96
CA THR A 301 4.99 -11.70 21.20
C THR A 301 4.28 -11.68 19.85
N SER A 302 3.06 -12.19 19.82
CA SER A 302 2.31 -12.32 18.58
C SER A 302 1.68 -10.98 18.25
N ILE A 303 1.99 -10.45 17.07
CA ILE A 303 1.41 -9.18 16.61
C ILE A 303 0.65 -9.45 15.32
N ASP A 304 -0.68 -9.49 15.42
CA ASP A 304 -1.52 -9.73 14.26
C ASP A 304 -1.71 -8.41 13.52
N GLY A 305 -1.43 -8.43 12.21
CA GLY A 305 -1.57 -7.20 11.46
C GLY A 305 -1.60 -7.50 9.98
N ILE A 306 -1.70 -6.45 9.17
CA ILE A 306 -1.91 -6.62 7.73
C ILE A 306 -0.73 -6.03 6.98
N ALA A 307 -0.35 -6.68 5.89
CA ALA A 307 0.66 -6.14 5.00
C ALA A 307 -0.06 -5.20 4.04
N ASP A 308 0.20 -3.89 4.18
CA ASP A 308 -0.62 -2.84 3.54
C ASP A 308 0.28 -1.85 2.81
N THR A 309 0.49 -2.08 1.52
CA THR A 309 1.30 -1.14 0.75
C THR A 309 0.66 0.23 0.62
N GLY A 310 -0.65 0.34 0.87
CA GLY A 310 -1.36 1.60 0.78
C GLY A 310 -1.35 2.48 2.00
N THR A 311 -0.73 2.03 3.09
CA THR A 311 -0.58 2.83 4.29
C THR A 311 0.89 3.20 4.42
N THR A 312 1.16 4.47 4.73
CA THR A 312 2.54 4.95 4.77
C THR A 312 3.30 4.36 5.95
N LEU A 313 2.71 4.42 7.14
CA LEU A 313 3.47 4.20 8.36
C LEU A 313 3.26 2.78 8.91
N LEU A 314 4.00 2.51 10.01
CA LEU A 314 3.92 1.25 10.73
C LEU A 314 3.09 1.49 11.98
N TYR A 315 1.94 0.85 12.09
CA TYR A 315 1.02 1.03 13.21
C TYR A 315 1.03 -0.24 14.06
N LEU A 316 1.43 -0.12 15.32
CA LEU A 316 1.65 -1.27 16.19
C LEU A 316 1.01 -1.03 17.56
N PRO A 317 0.90 -2.05 18.41
CA PRO A 317 0.27 -1.84 19.71
C PRO A 317 1.00 -0.77 20.52
N ALA A 318 0.23 -0.09 21.39
CA ALA A 318 0.77 1.04 22.16
C ALA A 318 1.94 0.63 23.04
N THR A 319 1.95 -0.62 23.54
CA THR A 319 3.07 -1.07 24.35
C THR A 319 4.35 -1.09 23.53
N VAL A 320 4.26 -1.59 22.29
CA VAL A 320 5.42 -1.72 21.42
C VAL A 320 5.92 -0.34 21.00
N VAL A 321 4.99 0.54 20.64
CA VAL A 321 5.33 1.88 20.17
C VAL A 321 5.95 2.71 21.30
N SER A 322 5.43 2.56 22.53
CA SER A 322 6.05 3.24 23.66
C SER A 322 7.47 2.76 23.89
N ALA A 323 7.69 1.45 23.80
CA ALA A 323 9.05 0.91 23.96
C ALA A 323 10.00 1.45 22.88
N TYR A 324 9.52 1.62 21.64
CA TYR A 324 10.37 2.21 20.60
C TYR A 324 10.75 3.66 20.93
N TRP A 325 9.74 4.52 21.15
CA TRP A 325 10.03 5.96 21.31
C TRP A 325 10.74 6.27 22.62
N ALA A 326 10.62 5.40 23.63
CA ALA A 326 11.40 5.55 24.85
C ALA A 326 12.90 5.53 24.60
N GLN A 327 13.34 4.97 23.47
CA GLN A 327 14.76 4.96 23.15
C GLN A 327 15.22 6.23 22.44
N VAL A 328 14.32 7.16 22.13
CA VAL A 328 14.68 8.37 21.39
C VAL A 328 14.57 9.54 22.34
N SER A 329 15.71 10.17 22.64
CA SER A 329 15.72 11.27 23.60
C SER A 329 14.84 12.42 23.10
N GLY A 330 13.90 12.86 23.94
CA GLY A 330 13.02 13.94 23.59
C GLY A 330 11.76 13.54 22.85
N ALA A 331 11.61 12.27 22.48
CA ALA A 331 10.38 11.88 21.79
C ALA A 331 9.22 11.92 22.77
N LYS A 332 8.03 12.24 22.26
CA LYS A 332 6.83 12.17 23.07
C LYS A 332 5.62 12.08 22.17
N SER A 333 4.51 11.63 22.76
CA SER A 333 3.26 11.53 22.03
C SER A 333 2.55 12.87 22.11
N SER A 334 2.23 13.44 20.96
CA SER A 334 1.68 14.78 20.85
C SER A 334 0.21 14.66 20.47
N SER A 335 -0.67 15.13 21.35
CA SER A 335 -2.09 15.05 21.03
C SER A 335 -2.47 16.00 19.89
N SER A 336 -1.85 17.18 19.84
CA SER A 336 -2.21 18.14 18.80
C SER A 336 -1.72 17.69 17.43
N VAL A 337 -0.53 17.06 17.38
CA VAL A 337 -0.02 16.53 16.12
C VAL A 337 -0.69 15.21 15.77
N GLY A 338 -1.11 14.43 16.77
CA GLY A 338 -1.80 13.17 16.53
C GLY A 338 -0.91 11.95 16.58
N GLY A 339 0.26 12.03 17.18
CA GLY A 339 1.07 10.86 17.38
C GLY A 339 2.41 11.26 17.95
N TYR A 340 3.35 10.30 17.92
CA TYR A 340 4.68 10.50 18.44
C TYR A 340 5.47 11.40 17.51
N VAL A 341 6.15 12.38 18.11
CA VAL A 341 7.05 13.30 17.45
C VAL A 341 8.39 13.23 18.15
N PHE A 342 9.44 13.75 17.49
CA PHE A 342 10.77 13.62 18.09
C PHE A 342 11.67 14.74 17.56
N PRO A 343 12.73 15.10 18.27
CA PRO A 343 13.61 16.17 17.76
C PRO A 343 14.24 15.79 16.44
N CYS A 344 14.14 16.68 15.45
CA CYS A 344 14.66 16.38 14.12
C CYS A 344 16.17 16.11 14.14
N SER A 345 16.87 16.54 15.18
CA SER A 345 18.30 16.31 15.32
C SER A 345 18.64 14.92 15.84
N ALA A 346 17.63 14.12 16.22
CA ALA A 346 17.90 12.78 16.75
C ALA A 346 18.34 11.82 15.65
N THR A 347 19.09 10.80 16.06
CA THR A 347 19.41 9.65 15.21
C THR A 347 18.57 8.48 15.71
N LEU A 348 17.68 7.99 14.85
CA LEU A 348 16.68 7.03 15.34
C LEU A 348 17.26 5.62 15.39
N PRO A 349 16.82 4.82 16.36
CA PRO A 349 17.19 3.40 16.36
C PRO A 349 16.39 2.63 15.31
N SER A 350 16.95 1.52 14.88
CA SER A 350 16.25 0.61 13.99
C SER A 350 15.12 -0.09 14.75
N PHE A 351 14.25 -0.75 13.99
CA PHE A 351 13.15 -1.52 14.55
C PHE A 351 13.09 -2.84 13.81
N THR A 352 13.12 -3.95 14.55
CA THR A 352 13.13 -5.29 13.99
C THR A 352 11.77 -5.93 14.21
N PHE A 353 11.22 -6.59 13.20
CA PHE A 353 10.06 -7.42 13.39
C PHE A 353 10.33 -8.87 12.96
N GLY A 354 9.64 -9.79 13.62
CA GLY A 354 9.82 -11.22 13.37
C GLY A 354 8.86 -11.75 12.33
N VAL A 355 9.38 -12.61 11.47
CA VAL A 355 8.60 -13.39 10.52
C VAL A 355 9.03 -14.83 10.76
N GLY A 356 8.19 -15.59 11.47
CA GLY A 356 8.67 -16.87 11.96
C GLY A 356 9.93 -16.67 12.78
N SER A 357 10.96 -17.45 12.48
CA SER A 357 12.25 -17.31 13.12
C SER A 357 13.12 -16.27 12.44
N ALA A 358 12.67 -15.70 11.33
CA ALA A 358 13.44 -14.70 10.61
C ALA A 358 13.16 -13.31 11.16
N ARG A 359 14.04 -12.37 10.80
CA ARG A 359 13.98 -11.01 11.30
C ARG A 359 14.12 -10.04 10.14
N ILE A 360 13.26 -9.03 10.12
CA ILE A 360 13.37 -7.91 9.19
C ILE A 360 13.73 -6.67 9.99
N VAL A 361 14.84 -6.04 9.60
CA VAL A 361 15.38 -4.86 10.30
C VAL A 361 15.04 -3.61 9.51
N ILE A 362 14.21 -2.75 10.10
CA ILE A 362 13.90 -1.44 9.52
C ILE A 362 14.97 -0.46 10.00
N PRO A 363 15.79 0.10 9.11
CA PRO A 363 16.78 1.09 9.55
C PRO A 363 16.11 2.30 10.17
N GLY A 364 16.80 2.92 11.14
CA GLY A 364 16.22 4.05 11.84
C GLY A 364 15.76 5.17 10.93
N ASP A 365 16.53 5.48 9.89
CA ASP A 365 16.15 6.61 9.03
C ASP A 365 14.81 6.39 8.34
N TYR A 366 14.37 5.13 8.19
CA TYR A 366 13.09 4.84 7.53
C TYR A 366 11.93 5.33 8.39
N ILE A 367 12.22 5.65 9.66
CA ILE A 367 11.21 6.02 10.64
C ILE A 367 11.08 7.53 10.80
N ASP A 368 11.83 8.31 10.02
CA ASP A 368 11.85 9.75 10.13
C ASP A 368 10.96 10.30 9.02
N PHE A 369 9.88 10.99 9.39
CA PHE A 369 8.97 11.55 8.40
C PHE A 369 9.00 13.08 8.37
N GLY A 370 10.04 13.67 8.93
CA GLY A 370 10.33 15.07 8.67
C GLY A 370 9.56 16.01 9.56
N PRO A 371 9.85 17.30 9.43
CA PRO A 371 9.18 18.31 10.27
C PRO A 371 7.66 18.23 10.26
N ILE A 372 7.08 18.39 11.45
CA ILE A 372 5.62 18.29 11.60
C ILE A 372 4.93 19.39 10.81
N SER A 373 5.57 20.54 10.64
CA SER A 373 5.11 21.62 9.80
C SER A 373 6.36 22.29 9.24
N THR A 374 6.21 22.95 8.10
CA THR A 374 7.38 23.56 7.46
C THR A 374 8.16 24.44 8.42
N GLY A 375 9.47 24.21 8.47
CA GLY A 375 10.37 24.95 9.32
C GLY A 375 10.48 24.49 10.75
N SER A 376 9.67 23.53 11.17
CA SER A 376 9.73 23.04 12.54
C SER A 376 10.95 22.18 12.77
N SER A 377 11.45 22.20 13.99
CA SER A 377 12.48 21.26 14.43
C SER A 377 11.92 20.06 15.15
N SER A 378 10.61 19.88 15.13
CA SER A 378 9.99 18.67 15.65
C SER A 378 9.57 17.86 14.43
N CYS A 379 9.87 16.56 14.47
CA CYS A 379 9.71 15.67 13.34
C CYS A 379 8.70 14.57 13.65
N PHE A 380 7.99 14.11 12.63
CA PHE A 380 6.95 13.12 12.83
C PHE A 380 7.49 11.69 12.74
N GLY A 381 7.08 10.85 13.68
CA GLY A 381 7.56 9.48 13.72
C GLY A 381 6.86 8.55 12.75
N GLY A 382 7.62 7.57 12.28
CA GLY A 382 7.10 6.61 11.32
C GLY A 382 6.49 5.36 11.91
N ILE A 383 6.60 5.20 13.23
CA ILE A 383 5.98 4.12 13.99
C ILE A 383 4.98 4.77 14.93
N GLN A 384 3.71 4.37 14.83
CA GLN A 384 2.61 4.97 15.57
C GLN A 384 1.70 3.91 16.15
N SER A 385 0.92 4.30 17.16
CA SER A 385 0.03 3.37 17.85
C SER A 385 -1.15 3.00 16.97
N SER A 386 -1.48 1.71 16.99
CA SER A 386 -2.69 1.23 16.32
C SER A 386 -3.90 1.25 17.24
N ALA A 387 -3.77 1.84 18.44
CA ALA A 387 -4.77 1.65 19.49
C ALA A 387 -6.15 2.13 19.05
N GLY A 388 -6.21 3.21 18.28
CA GLY A 388 -7.50 3.67 17.81
C GLY A 388 -7.96 3.08 16.49
N ILE A 389 -7.19 2.17 15.91
CA ILE A 389 -7.47 1.60 14.60
C ILE A 389 -8.25 0.30 14.71
N GLY A 390 -7.90 -0.55 15.66
CA GLY A 390 -8.46 -1.87 15.79
C GLY A 390 -7.66 -2.97 15.12
N ILE A 391 -6.61 -2.62 14.38
CA ILE A 391 -5.82 -3.61 13.65
C ILE A 391 -4.41 -3.04 13.48
N ASN A 392 -3.40 -3.89 13.61
CA ASN A 392 -2.05 -3.44 13.35
C ASN A 392 -1.81 -3.42 11.85
N ILE A 393 -1.00 -2.45 11.40
CA ILE A 393 -0.77 -2.24 9.98
C ILE A 393 0.73 -2.18 9.71
N PHE A 394 1.24 -3.19 9.01
CA PHE A 394 2.61 -3.19 8.48
C PHE A 394 2.55 -2.42 7.16
N GLY A 395 2.69 -1.10 7.26
CA GLY A 395 2.64 -0.22 6.12
C GLY A 395 4.00 -0.10 5.45
N ASP A 396 4.13 0.94 4.63
CA ASP A 396 5.34 1.08 3.80
C ASP A 396 6.60 1.12 4.64
N VAL A 397 6.55 1.79 5.79
CA VAL A 397 7.73 1.86 6.67
C VAL A 397 8.30 0.46 6.90
N ALA A 398 7.43 -0.53 7.15
CA ALA A 398 7.85 -1.92 7.36
C ALA A 398 8.16 -2.62 6.04
N LEU A 399 7.25 -2.51 5.08
CA LEU A 399 7.38 -3.34 3.89
C LEU A 399 8.60 -2.95 3.06
N LYS A 400 8.97 -1.67 3.04
CA LYS A 400 10.10 -1.23 2.21
C LYS A 400 11.43 -1.72 2.75
N ALA A 401 11.47 -2.27 3.96
CA ALA A 401 12.67 -2.90 4.48
C ALA A 401 12.82 -4.34 3.98
N ALA A 402 11.86 -4.85 3.20
CA ALA A 402 11.85 -6.26 2.85
C ALA A 402 11.47 -6.42 1.38
N PHE A 403 11.73 -7.62 0.88
CA PHE A 403 11.15 -8.09 -0.38
C PHE A 403 9.96 -8.92 0.05
N VAL A 404 8.77 -8.56 -0.40
CA VAL A 404 7.54 -9.14 0.09
C VAL A 404 6.82 -9.92 -1.00
N VAL A 405 6.55 -11.20 -0.73
CA VAL A 405 5.80 -12.09 -1.64
C VAL A 405 4.36 -12.17 -1.16
N PHE A 406 3.44 -11.79 -2.04
CA PHE A 406 2.01 -11.95 -1.82
C PHE A 406 1.62 -13.19 -2.64
N ASN A 407 1.58 -14.33 -1.97
CA ASN A 407 1.39 -15.63 -2.59
C ASN A 407 -0.09 -15.96 -2.66
N GLY A 408 -0.66 -15.95 -3.85
CA GLY A 408 -2.07 -16.22 -4.04
C GLY A 408 -2.39 -17.65 -4.41
N ALA A 409 -1.59 -18.58 -3.91
CA ALA A 409 -1.88 -20.00 -4.05
C ALA A 409 -3.23 -20.33 -3.42
N THR A 410 -3.66 -21.57 -3.62
CA THR A 410 -4.97 -22.00 -3.09
C THR A 410 -5.09 -21.61 -1.62
N THR A 411 -4.07 -21.85 -0.83
CA THR A 411 -4.02 -21.28 0.50
C THR A 411 -3.01 -20.13 0.46
N PRO A 412 -3.45 -18.86 0.51
CA PRO A 412 -2.49 -17.77 0.41
C PRO A 412 -1.56 -17.70 1.60
N THR A 413 -0.34 -17.22 1.32
CA THR A 413 0.66 -16.99 2.33
C THR A 413 1.40 -15.71 1.96
N LEU A 414 2.24 -15.25 2.88
CA LEU A 414 3.04 -14.06 2.72
C LEU A 414 4.49 -14.47 2.92
N GLY A 415 5.38 -13.94 2.09
CA GLY A 415 6.80 -14.22 2.22
C GLY A 415 7.58 -12.93 2.43
N PHE A 416 8.58 -12.99 3.31
CA PHE A 416 9.41 -11.81 3.59
C PHE A 416 10.86 -12.24 3.49
N ALA A 417 11.66 -11.45 2.78
CA ALA A 417 13.11 -11.59 2.77
C ALA A 417 13.76 -10.25 3.04
N SER A 418 14.92 -10.29 3.67
CA SER A 418 15.74 -9.09 3.78
C SER A 418 16.29 -8.75 2.40
N LYS A 419 16.75 -7.51 2.24
CA LYS A 419 17.29 -7.11 0.93
C LYS A 419 18.40 -6.09 1.05
S DMS B . 10.84 -2.14 -15.64
O DMS B . 9.67 -1.41 -16.12
C1 DMS B . 10.35 -2.90 -14.06
C2 DMS B . 10.96 -3.69 -16.59
C1 PG5 C . 0.55 13.90 11.59
O1 PG5 C . 1.28 14.58 10.61
C2 PG5 C . 1.88 15.78 10.99
C3 PG5 C . 3.41 15.67 10.97
O2 PG5 C . 3.95 15.55 9.68
C4 PG5 C . 3.74 14.28 9.12
C5 PG5 C . 4.91 13.74 8.29
O3 PG5 C . 4.46 12.67 7.50
C6 PG5 C . 3.48 11.84 8.08
C7 PG5 C . 2.33 11.64 7.10
O4 PG5 C . 2.27 10.28 6.71
C8 PG5 C . 1.14 9.59 7.18
S DMS D . -4.84 4.62 1.19
O DMS D . -5.43 3.71 2.20
C1 DMS D . -6.21 5.41 0.31
C2 DMS D . -4.16 6.04 2.09
S DMS E . -4.42 4.71 9.40
O DMS E . -4.11 3.44 8.72
C1 DMS E . -4.35 6.02 8.16
C2 DMS E . -6.19 4.70 9.73
S DMS F . -11.19 -0.67 2.34
O DMS F . -10.50 -1.67 3.16
C1 DMS F . -12.26 -1.62 1.25
C2 DMS F . -12.56 -0.06 3.37
S DMS G . -9.82 14.16 3.67
O DMS G . -9.98 13.54 2.34
C1 DMS G . -11.49 14.28 4.37
C2 DMS G . -9.11 12.92 4.78
S DMS H . -6.60 -0.56 7.88
O DMS H . -6.23 -0.25 6.51
C1 DMS H . -7.72 0.75 8.44
C2 DMS H . -7.83 -1.88 7.82
#